data_9F78
#
_entry.id   9F78
#
_cell.length_a   43.024
_cell.length_b   54.360
_cell.length_c   90.159
_cell.angle_alpha   90.00
_cell.angle_beta   90.00
_cell.angle_gamma   90.00
#
_symmetry.space_group_name_H-M   'P 21 21 21'
#
loop_
_entity.id
_entity.type
_entity.pdbx_description
1 polymer 'Bromodomain adjacent to zinc finger domain protein 2A'
2 non-polymer 1-[4-ethyl-5-[4-[(5-ethyl-1,2,4-oxadiazol-3-yl)methyl]piperazin-1-yl]carbonyl-2-methyl-1~{H}-pyrrol-3-yl]ethanone
3 water water
#
_entity_poly.entity_id   1
_entity_poly.type   'polypeptide(L)'
_entity_poly.pdbx_seq_one_letter_code
;SMHSDLTFCEIILMEMESHDAAWPFLEPVNPRLVSGYRRIIKNPMDFSTMRERLSRGGYTSSEEFAADALLVFDNCQTFN
EDDSEVGKAGHIMRRFFESRWEEFY
;
_entity_poly.pdbx_strand_id   A,B
#
# COMPACT_ATOMS: atom_id res chain seq x y z
N SER A 4 -17.48 5.01 1.84
CA SER A 4 -18.25 4.96 3.08
C SER A 4 -17.50 4.16 4.13
N ASP A 5 -17.08 2.94 3.77
CA ASP A 5 -16.20 2.18 4.65
C ASP A 5 -14.87 2.89 4.83
N LEU A 6 -14.30 3.39 3.73
CA LEU A 6 -13.07 4.17 3.84
C LEU A 6 -13.31 5.49 4.56
N THR A 7 -14.51 6.07 4.41
CA THR A 7 -14.90 7.20 5.24
C THR A 7 -14.70 6.90 6.72
N PHE A 8 -15.20 5.73 7.17
CA PHE A 8 -14.97 5.34 8.56
C PHE A 8 -13.48 5.22 8.86
N CYS A 9 -12.69 4.75 7.88
CA CYS A 9 -11.25 4.57 8.10
C CYS A 9 -10.54 5.91 8.32
N GLU A 10 -10.95 6.95 7.61
CA GLU A 10 -10.40 8.29 7.86
CA GLU A 10 -10.39 8.28 7.87
C GLU A 10 -10.63 8.69 9.32
N ILE A 11 -11.86 8.52 9.80
CA ILE A 11 -12.17 8.90 11.18
C ILE A 11 -11.36 8.05 12.16
N ILE A 12 -11.32 6.74 11.93
CA ILE A 12 -10.58 5.85 12.82
C ILE A 12 -9.11 6.26 12.89
N LEU A 13 -8.52 6.59 11.73
CA LEU A 13 -7.12 6.97 11.70
C LEU A 13 -6.89 8.27 12.44
N MET A 14 -7.79 9.26 12.25
CA MET A 14 -7.66 10.53 12.95
CA MET A 14 -7.64 10.52 12.95
C MET A 14 -7.69 10.33 14.46
N GLU A 15 -8.66 9.53 14.95
CA GLU A 15 -8.75 9.28 16.38
C GLU A 15 -7.54 8.55 16.91
N MET A 16 -7.00 7.61 16.12
CA MET A 16 -5.79 6.91 16.50
C MET A 16 -4.61 7.87 16.55
N GLU A 17 -4.44 8.67 15.50
CA GLU A 17 -3.42 9.72 15.50
C GLU A 17 -3.56 10.67 16.70
N SER A 18 -4.79 10.91 17.15
CA SER A 18 -5.05 11.85 18.24
C SER A 18 -5.06 11.18 19.62
N HIS A 19 -4.99 9.85 19.67
CA HIS A 19 -5.02 9.14 20.93
C HIS A 19 -3.74 9.39 21.72
N ASP A 20 -3.87 9.35 23.06
CA ASP A 20 -2.74 9.64 23.94
C ASP A 20 -1.65 8.57 23.85
N ALA A 21 -2.03 7.35 23.48
CA ALA A 21 -1.07 6.25 23.37
C ALA A 21 -0.50 6.13 21.95
N ALA A 22 -0.70 7.14 21.11
CA ALA A 22 -0.26 7.10 19.72
C ALA A 22 1.21 7.44 19.54
N TRP A 23 1.87 8.02 20.55
CA TRP A 23 3.20 8.61 20.37
C TRP A 23 4.26 7.69 19.76
N PRO A 24 4.22 6.36 19.95
CA PRO A 24 5.21 5.52 19.26
C PRO A 24 4.90 5.26 17.78
N PHE A 25 3.73 5.67 17.28
CA PHE A 25 3.23 5.15 16.01
C PHE A 25 2.97 6.23 14.97
N LEU A 26 3.50 7.45 15.18
CA LEU A 26 3.23 8.60 14.32
C LEU A 26 4.22 8.75 13.19
N GLU A 27 5.38 8.09 13.28
CA GLU A 27 6.40 8.16 12.25
C GLU A 27 7.08 6.80 12.19
N PRO A 28 7.67 6.45 11.04
CA PRO A 28 8.29 5.13 10.91
C PRO A 28 9.46 4.96 11.86
N VAL A 29 9.61 3.74 12.37
CA VAL A 29 10.83 3.36 13.07
C VAL A 29 11.98 3.46 12.09
N ASN A 30 13.05 4.16 12.48
CA ASN A 30 14.21 4.25 11.61
C ASN A 30 15.12 3.05 11.88
N PRO A 31 15.18 2.07 10.99
CA PRO A 31 15.92 0.83 11.30
C PRO A 31 17.38 1.05 11.64
N ARG A 32 17.99 2.14 11.14
CA ARG A 32 19.42 2.42 11.41
C ARG A 32 19.60 2.89 12.86
N LEU A 33 18.54 3.39 13.49
CA LEU A 33 18.59 3.95 14.83
C LEU A 33 18.15 2.97 15.92
N VAL A 34 17.74 1.76 15.55
CA VAL A 34 17.23 0.77 16.49
C VAL A 34 17.92 -0.54 16.16
N SER A 35 18.81 -0.98 17.05
CA SER A 35 19.50 -2.23 16.84
C SER A 35 18.52 -3.37 16.73
N GLY A 36 18.68 -4.18 15.69
CA GLY A 36 17.90 -5.38 15.50
C GLY A 36 16.55 -5.21 14.83
N TYR A 37 16.09 -3.98 14.59
CA TYR A 37 14.73 -3.80 14.09
C TYR A 37 14.57 -4.35 12.68
N ARG A 38 15.53 -4.02 11.79
CA ARG A 38 15.45 -4.51 10.42
C ARG A 38 15.47 -6.03 10.35
N ARG A 39 16.21 -6.67 11.25
CA ARG A 39 16.35 -8.15 11.21
C ARG A 39 15.08 -8.87 11.70
N ILE A 40 14.22 -8.18 12.45
CA ILE A 40 13.07 -8.81 13.07
C ILE A 40 11.76 -8.43 12.39
N ILE A 41 11.64 -7.19 11.93
CA ILE A 41 10.39 -6.67 11.37
C ILE A 41 10.57 -6.51 9.87
N LYS A 42 9.93 -7.38 9.10
CA LYS A 42 10.06 -7.34 7.62
C LYS A 42 9.04 -6.38 6.99
N ASN A 43 7.90 -6.20 7.64
CA ASN A 43 6.81 -5.38 7.11
C ASN A 43 6.54 -4.23 8.07
N PRO A 44 7.39 -3.21 8.11
CA PRO A 44 7.11 -2.08 9.01
C PRO A 44 5.87 -1.27 8.58
N MET A 45 5.22 -0.68 9.59
CA MET A 45 4.02 0.11 9.39
C MET A 45 3.88 1.11 10.53
N ASP A 46 3.26 2.25 10.22
CA ASP A 46 2.99 3.30 11.18
C ASP A 46 1.84 4.12 10.63
N PHE A 47 1.30 5.03 11.46
CA PHE A 47 0.11 5.81 11.08
C PHE A 47 0.40 6.81 9.97
N SER A 48 1.58 7.43 9.94
CA SER A 48 1.84 8.37 8.85
C SER A 48 1.90 7.66 7.50
N THR A 49 2.39 6.42 7.49
CA THR A 49 2.43 5.64 6.25
C THR A 49 1.02 5.24 5.82
N MET A 50 0.16 4.92 6.80
CA MET A 50 -1.26 4.67 6.52
C MET A 50 -1.94 5.94 6.03
N ARG A 51 -1.59 7.07 6.64
CA ARG A 51 -2.17 8.35 6.23
C ARG A 51 -1.79 8.70 4.79
N GLU A 52 -0.53 8.48 4.42
CA GLU A 52 -0.09 8.76 3.06
C GLU A 52 -0.88 7.91 2.07
N ARG A 53 -0.98 6.61 2.35
CA ARG A 53 -1.69 5.70 1.45
C ARG A 53 -3.18 6.05 1.37
N LEU A 54 -3.81 6.36 2.51
CA LEU A 54 -5.23 6.67 2.50
C LEU A 54 -5.52 7.93 1.69
N SER A 55 -4.63 8.92 1.76
CA SER A 55 -4.90 10.21 1.14
CA SER A 55 -4.90 10.22 1.14
C SER A 55 -4.93 10.13 -0.38
N ARG A 56 -4.13 9.24 -0.97
CA ARG A 56 -4.12 9.10 -2.43
C ARG A 56 -5.00 7.95 -2.93
N GLY A 57 -6.00 7.55 -2.13
CA GLY A 57 -6.86 6.44 -2.49
C GLY A 57 -6.18 5.11 -2.66
N GLY A 58 -5.13 4.82 -1.87
CA GLY A 58 -4.43 3.57 -2.00
C GLY A 58 -5.00 2.40 -1.21
N TYR A 59 -6.15 2.57 -0.57
CA TYR A 59 -6.88 1.49 0.09
C TYR A 59 -8.16 1.22 -0.70
N THR A 60 -8.24 0.04 -1.32
CA THR A 60 -9.43 -0.28 -2.11
C THR A 60 -10.59 -0.78 -1.25
N SER A 61 -10.29 -1.24 -0.03
CA SER A 61 -11.31 -1.77 0.86
C SER A 61 -10.90 -1.44 2.29
N SER A 62 -11.88 -1.51 3.19
CA SER A 62 -11.57 -1.33 4.62
C SER A 62 -10.69 -2.45 5.14
N GLU A 63 -10.83 -3.66 4.58
CA GLU A 63 -9.96 -4.77 4.95
C GLU A 63 -8.49 -4.42 4.75
N GLU A 64 -8.15 -3.75 3.65
CA GLU A 64 -6.74 -3.42 3.44
C GLU A 64 -6.24 -2.39 4.45
N PHE A 65 -7.11 -1.47 4.87
CA PHE A 65 -6.77 -0.54 5.95
C PHE A 65 -6.52 -1.29 7.25
N ALA A 66 -7.39 -2.25 7.56
CA ALA A 66 -7.26 -3.01 8.80
C ALA A 66 -5.98 -3.83 8.81
N ALA A 67 -5.55 -4.33 7.66
CA ALA A 67 -4.29 -5.09 7.61
C ALA A 67 -3.13 -4.20 8.05
N ASP A 68 -3.12 -2.94 7.60
CA ASP A 68 -2.02 -2.05 7.97
C ASP A 68 -2.06 -1.72 9.46
N ALA A 69 -3.26 -1.45 9.99
CA ALA A 69 -3.39 -1.14 11.41
C ALA A 69 -2.86 -2.27 12.28
N LEU A 70 -3.25 -3.51 11.97
CA LEU A 70 -2.79 -4.63 12.79
C LEU A 70 -1.30 -4.86 12.64
N LEU A 71 -0.73 -4.54 11.46
CA LEU A 71 0.72 -4.62 11.31
C LEU A 71 1.41 -3.71 12.31
N VAL A 72 0.88 -2.51 12.54
CA VAL A 72 1.48 -1.60 13.50
C VAL A 72 1.56 -2.25 14.87
N PHE A 73 0.43 -2.85 15.30
CA PHE A 73 0.38 -3.46 16.63
C PHE A 73 1.06 -4.81 16.69
N ASP A 74 1.01 -5.59 15.60
CA ASP A 74 1.70 -6.88 15.61
C ASP A 74 3.21 -6.69 15.61
N ASN A 75 3.73 -5.76 14.79
CA ASN A 75 5.14 -5.43 14.85
C ASN A 75 5.54 -4.99 16.25
N CYS A 76 4.68 -4.18 16.90
CA CYS A 76 5.03 -3.64 18.21
C CYS A 76 5.10 -4.73 19.26
N GLN A 77 4.16 -5.68 19.22
CA GLN A 77 4.18 -6.78 20.20
C GLN A 77 5.32 -7.75 19.94
N THR A 78 5.74 -7.90 18.69
CA THR A 78 6.80 -8.83 18.34
C THR A 78 8.15 -8.34 18.87
N PHE A 79 8.40 -7.04 18.76
CA PHE A 79 9.72 -6.47 19.01
C PHE A 79 9.89 -5.89 20.40
N ASN A 80 8.80 -5.55 21.09
CA ASN A 80 8.86 -4.86 22.38
C ASN A 80 8.20 -5.68 23.48
N GLU A 81 8.77 -5.62 24.68
CA GLU A 81 8.18 -6.30 25.83
C GLU A 81 6.90 -5.61 26.27
N ASP A 82 5.99 -6.39 26.85
CA ASP A 82 4.72 -5.84 27.32
C ASP A 82 4.94 -4.75 28.36
N ASP A 83 6.03 -4.86 29.12
CA ASP A 83 6.30 -3.93 30.22
C ASP A 83 6.96 -2.63 29.75
N SER A 84 7.47 -2.58 28.51
CA SER A 84 8.07 -1.37 28.00
C SER A 84 6.99 -0.33 27.72
N GLU A 85 7.41 0.95 27.68
CA GLU A 85 6.45 2.01 27.39
C GLU A 85 5.86 1.86 26.00
N VAL A 86 6.69 1.45 25.02
CA VAL A 86 6.18 1.26 23.65
C VAL A 86 5.29 0.02 23.58
N GLY A 87 5.69 -1.07 24.26
CA GLY A 87 4.83 -2.24 24.31
C GLY A 87 3.49 -1.95 24.95
N LYS A 88 3.51 -1.23 26.06
CA LYS A 88 2.23 -0.87 26.74
C LYS A 88 1.35 -0.10 25.75
N ALA A 89 1.97 0.80 24.98
CA ALA A 89 1.20 1.67 24.09
C ALA A 89 0.56 0.88 22.96
N GLY A 90 1.26 -0.13 22.44
CA GLY A 90 0.71 -0.92 21.36
C GLY A 90 -0.48 -1.77 21.80
N HIS A 91 -0.41 -2.33 23.00
CA HIS A 91 -1.57 -3.05 23.51
C HIS A 91 -2.78 -2.12 23.68
N ILE A 92 -2.54 -0.89 24.13
CA ILE A 92 -3.64 0.05 24.34
C ILE A 92 -4.25 0.47 23.01
N MET A 93 -3.39 0.77 22.03
CA MET A 93 -3.90 1.20 20.73
C MET A 93 -4.58 0.06 19.99
N ARG A 94 -4.18 -1.19 20.24
CA ARG A 94 -4.87 -2.30 19.59
C ARG A 94 -6.30 -2.42 20.10
N ARG A 95 -6.46 -2.29 21.41
CA ARG A 95 -7.83 -2.37 22.02
C ARG A 95 -8.67 -1.21 21.47
N PHE A 96 -8.10 -0.02 21.38
CA PHE A 96 -8.84 1.13 20.87
C PHE A 96 -9.27 0.88 19.42
N PHE A 97 -8.32 0.45 18.59
CA PHE A 97 -8.63 0.12 17.20
C PHE A 97 -9.70 -0.97 17.14
N GLU A 98 -9.49 -2.06 17.87
CA GLU A 98 -10.50 -3.12 17.88
C GLU A 98 -11.85 -2.63 18.40
N SER A 99 -11.89 -1.60 19.24
CA SER A 99 -13.18 -1.14 19.74
C SER A 99 -13.90 -0.30 18.70
N ARG A 100 -13.17 0.63 18.06
CA ARG A 100 -13.78 1.46 17.03
C ARG A 100 -14.14 0.64 15.81
N TRP A 101 -13.31 -0.35 15.47
CA TRP A 101 -13.54 -1.15 14.27
C TRP A 101 -14.80 -2.00 14.40
N GLU A 102 -15.13 -2.42 15.61
CA GLU A 102 -16.27 -3.30 15.83
C GLU A 102 -17.57 -2.55 16.04
N GLU A 103 -17.52 -1.30 16.49
CA GLU A 103 -18.71 -0.46 16.52
C GLU A 103 -18.91 0.30 15.21
N PHE A 104 -18.19 -0.10 14.16
CA PHE A 104 -18.49 0.29 12.79
C PHE A 104 -18.75 -0.93 11.91
N TYR A 105 -17.79 -1.85 11.83
CA TYR A 105 -17.90 -3.03 10.98
C TYR A 105 -18.33 -4.26 11.77
N HIS B 3 4.10 -17.89 -0.70
CA HIS B 3 3.82 -16.63 -1.37
C HIS B 3 4.35 -15.45 -0.57
N SER B 4 5.19 -15.75 0.42
CA SER B 4 5.80 -14.72 1.25
C SER B 4 7.09 -14.18 0.66
N ASP B 5 7.69 -14.87 -0.30
CA ASP B 5 8.90 -14.40 -0.97
C ASP B 5 8.47 -13.47 -2.10
N LEU B 6 8.78 -12.18 -1.93
CA LEU B 6 8.44 -11.16 -2.90
C LEU B 6 9.51 -11.02 -3.99
N THR B 7 10.36 -12.03 -4.16
CA THR B 7 11.44 -11.95 -5.14
C THR B 7 10.90 -11.88 -6.56
N PHE B 8 9.95 -12.75 -6.89
CA PHE B 8 9.33 -12.73 -8.22
C PHE B 8 8.73 -11.36 -8.52
N CYS B 9 8.10 -10.74 -7.51
CA CYS B 9 7.49 -9.42 -7.69
C CYS B 9 8.54 -8.36 -7.98
N GLU B 10 9.68 -8.42 -7.29
CA GLU B 10 10.78 -7.51 -7.59
C GLU B 10 11.21 -7.67 -9.04
N ILE B 11 11.27 -8.92 -9.52
CA ILE B 11 11.68 -9.19 -10.90
CA ILE B 11 11.68 -9.18 -10.90
C ILE B 11 10.67 -8.61 -11.88
N ILE B 12 9.39 -8.95 -11.69
CA ILE B 12 8.39 -8.53 -12.66
C ILE B 12 8.23 -7.02 -12.67
N LEU B 13 8.39 -6.36 -11.52
CA LEU B 13 8.26 -4.91 -11.46
C LEU B 13 9.37 -4.24 -12.27
N MET B 14 10.61 -4.67 -12.07
CA MET B 14 11.73 -4.14 -12.84
C MET B 14 11.49 -4.35 -14.33
N GLU B 15 11.07 -5.55 -14.71
CA GLU B 15 10.79 -5.81 -16.12
C GLU B 15 9.64 -4.95 -16.64
N MET B 16 8.63 -4.69 -15.80
CA MET B 16 7.53 -3.83 -16.22
C MET B 16 7.99 -2.39 -16.38
N GLU B 17 8.77 -1.87 -15.42
CA GLU B 17 9.28 -0.51 -15.53
C GLU B 17 10.12 -0.32 -16.78
N SER B 18 10.91 -1.33 -17.16
CA SER B 18 11.82 -1.22 -18.29
CA SER B 18 11.82 -1.22 -18.29
C SER B 18 11.18 -1.61 -19.62
N HIS B 19 9.88 -1.91 -19.63
CA HIS B 19 9.19 -2.33 -20.85
C HIS B 19 8.95 -1.13 -21.74
N ASP B 20 8.99 -1.38 -23.06
CA ASP B 20 8.81 -0.31 -24.03
C ASP B 20 7.46 0.39 -23.88
N ALA B 21 6.43 -0.32 -23.43
CA ALA B 21 5.09 0.24 -23.29
C ALA B 21 4.81 0.77 -21.90
N ALA B 22 5.85 1.00 -21.10
CA ALA B 22 5.66 1.39 -19.71
C ALA B 22 5.62 2.90 -19.52
N TRP B 23 5.87 3.67 -20.58
CA TRP B 23 5.97 5.12 -20.50
C TRP B 23 4.75 5.82 -19.86
N PRO B 24 3.52 5.29 -19.94
CA PRO B 24 2.41 5.94 -19.21
C PRO B 24 2.34 5.63 -17.73
N PHE B 25 3.20 4.76 -17.18
CA PHE B 25 2.98 4.16 -15.86
C PHE B 25 4.14 4.35 -14.89
N LEU B 26 5.10 5.22 -15.24
CA LEU B 26 6.33 5.43 -14.43
C LEU B 26 6.12 6.45 -13.29
N GLU B 27 5.05 7.24 -13.35
CA GLU B 27 4.74 8.22 -12.32
C GLU B 27 3.23 8.34 -12.21
N PRO B 28 2.71 8.79 -11.07
CA PRO B 28 1.25 8.86 -10.92
C PRO B 28 0.66 9.91 -11.86
N VAL B 29 -0.58 9.64 -12.29
CA VAL B 29 -1.34 10.65 -13.01
C VAL B 29 -1.61 11.83 -12.09
N ASN B 30 -1.31 13.04 -12.57
CA ASN B 30 -1.53 14.27 -11.80
C ASN B 30 -2.99 14.68 -11.95
N PRO B 31 -3.83 14.45 -10.93
CA PRO B 31 -5.25 14.73 -11.08
C PRO B 31 -5.56 16.20 -11.29
N ARG B 32 -4.71 17.10 -10.81
CA ARG B 32 -4.92 18.52 -11.00
C ARG B 32 -4.62 18.99 -12.43
N LEU B 33 -4.01 18.13 -13.25
CA LEU B 33 -3.73 18.44 -14.64
C LEU B 33 -4.61 17.67 -15.62
N VAL B 34 -5.41 16.71 -15.14
CA VAL B 34 -6.20 15.83 -15.99
C VAL B 34 -7.66 15.98 -15.56
N SER B 35 -8.45 16.69 -16.36
CA SER B 35 -9.83 16.97 -15.96
C SER B 35 -10.62 15.67 -15.85
N GLY B 36 -11.26 15.48 -14.69
CA GLY B 36 -12.14 14.34 -14.47
C GLY B 36 -11.48 13.10 -13.91
N TYR B 37 -10.14 13.08 -13.77
CA TYR B 37 -9.46 11.84 -13.42
C TYR B 37 -9.90 11.36 -12.04
N ARG B 38 -9.96 12.26 -11.07
CA ARG B 38 -10.34 11.87 -9.71
C ARG B 38 -11.81 11.49 -9.62
N ARG B 39 -12.65 12.06 -10.51
CA ARG B 39 -14.06 11.70 -10.50
C ARG B 39 -14.27 10.27 -10.96
N ILE B 40 -13.40 9.78 -11.83
CA ILE B 40 -13.57 8.48 -12.46
C ILE B 40 -12.73 7.40 -11.78
N ILE B 41 -11.51 7.74 -11.35
CA ILE B 41 -10.55 6.75 -10.87
C ILE B 41 -10.47 6.91 -9.36
N LYS B 42 -11.12 6.01 -8.62
CA LYS B 42 -11.18 6.16 -7.17
C LYS B 42 -9.89 5.69 -6.52
N ASN B 43 -9.19 4.73 -7.12
CA ASN B 43 -7.95 4.16 -6.56
C ASN B 43 -6.84 4.21 -7.60
N PRO B 44 -6.14 5.34 -7.72
CA PRO B 44 -5.02 5.41 -8.67
C PRO B 44 -3.87 4.49 -8.26
N MET B 45 -3.11 4.05 -9.26
CA MET B 45 -1.91 3.23 -9.07
C MET B 45 -0.99 3.39 -10.29
N ASP B 46 0.32 3.34 -10.02
CA ASP B 46 1.35 3.41 -11.04
C ASP B 46 2.58 2.67 -10.51
N PHE B 47 3.53 2.38 -11.40
CA PHE B 47 4.69 1.55 -11.03
C PHE B 47 5.56 2.19 -9.95
N SER B 48 5.69 3.53 -9.95
CA SER B 48 6.54 4.14 -8.93
C SER B 48 5.93 4.05 -7.55
N THR B 49 4.59 4.02 -7.47
CA THR B 49 3.95 3.83 -6.18
C THR B 49 4.09 2.39 -5.71
N MET B 50 3.95 1.42 -6.63
CA MET B 50 4.27 0.04 -6.27
C MET B 50 5.73 -0.09 -5.89
N ARG B 51 6.63 0.62 -6.59
CA ARG B 51 8.05 0.57 -6.26
C ARG B 51 8.32 1.06 -4.83
N GLU B 52 7.67 2.15 -4.44
CA GLU B 52 7.91 2.72 -3.12
C GLU B 52 7.41 1.78 -2.02
N ARG B 53 6.24 1.18 -2.22
CA ARG B 53 5.69 0.26 -1.24
C ARG B 53 6.51 -1.01 -1.18
N LEU B 54 6.96 -1.51 -2.34
CA LEU B 54 7.81 -2.71 -2.33
C LEU B 54 9.11 -2.44 -1.57
N SER B 55 9.70 -1.25 -1.73
CA SER B 55 11.02 -0.96 -1.17
CA SER B 55 11.02 -0.96 -1.17
C SER B 55 11.00 -0.84 0.34
N ARG B 56 9.86 -0.49 0.96
CA ARG B 56 9.78 -0.40 2.41
CA ARG B 56 9.76 -0.38 2.41
C ARG B 56 9.10 -1.60 3.03
N GLY B 57 9.14 -2.75 2.34
CA GLY B 57 8.47 -3.93 2.82
C GLY B 57 6.97 -3.80 2.95
N GLY B 58 6.34 -2.94 2.12
CA GLY B 58 4.92 -2.70 2.25
C GLY B 58 4.01 -3.77 1.72
N TYR B 59 4.55 -4.78 1.05
CA TYR B 59 3.78 -5.89 0.53
C TYR B 59 4.02 -7.13 1.39
N THR B 60 2.96 -7.63 2.03
CA THR B 60 3.11 -8.85 2.80
C THR B 60 2.93 -10.11 1.96
N SER B 61 2.35 -10.01 0.77
CA SER B 61 2.14 -11.18 -0.07
C SER B 61 2.17 -10.76 -1.53
N SER B 62 2.40 -11.74 -2.41
CA SER B 62 2.36 -11.48 -3.85
C SER B 62 0.96 -11.09 -4.31
N GLU B 63 -0.07 -11.52 -3.57
CA GLU B 63 -1.45 -11.19 -3.90
C GLU B 63 -1.68 -9.68 -3.88
N GLU B 64 -1.11 -8.96 -2.90
CA GLU B 64 -1.28 -7.51 -2.87
C GLU B 64 -0.54 -6.84 -4.03
N PHE B 65 0.66 -7.31 -4.34
CA PHE B 65 1.38 -6.79 -5.49
C PHE B 65 0.56 -6.96 -6.76
N ALA B 66 0.05 -8.17 -6.98
CA ALA B 66 -0.74 -8.45 -8.17
C ALA B 66 -1.97 -7.56 -8.26
N ALA B 67 -2.65 -7.33 -7.14
CA ALA B 67 -3.80 -6.43 -7.14
C ALA B 67 -3.40 -5.05 -7.59
N ASP B 68 -2.24 -4.55 -7.12
CA ASP B 68 -1.82 -3.21 -7.53
C ASP B 68 -1.52 -3.16 -9.02
N ALA B 69 -0.83 -4.18 -9.54
CA ALA B 69 -0.52 -4.22 -10.98
C ALA B 69 -1.80 -4.14 -11.81
N LEU B 70 -2.80 -4.97 -11.47
CA LEU B 70 -4.04 -5.02 -12.24
C LEU B 70 -4.80 -3.71 -12.14
N LEU B 71 -4.72 -3.05 -10.98
CA LEU B 71 -5.31 -1.74 -10.80
C LEU B 71 -4.77 -0.74 -11.82
N VAL B 72 -3.44 -0.75 -12.04
CA VAL B 72 -2.85 0.17 -13.03
C VAL B 72 -3.55 0.02 -14.36
N PHE B 73 -3.66 -1.22 -14.83
CA PHE B 73 -4.25 -1.46 -16.15
C PHE B 73 -5.76 -1.29 -16.13
N ASP B 74 -6.43 -1.63 -15.02
CA ASP B 74 -7.87 -1.42 -14.98
C ASP B 74 -8.23 0.06 -14.96
N ASN B 75 -7.45 0.89 -14.26
CA ASN B 75 -7.67 2.32 -14.34
C ASN B 75 -7.41 2.83 -15.75
N CYS B 76 -6.29 2.38 -16.33
CA CYS B 76 -6.00 2.83 -17.69
C CYS B 76 -7.18 2.54 -18.61
N GLN B 77 -7.73 1.32 -18.54
CA GLN B 77 -8.79 0.91 -19.47
C GLN B 77 -10.08 1.69 -19.23
N THR B 78 -10.39 2.04 -17.98
CA THR B 78 -11.58 2.84 -17.72
C THR B 78 -11.43 4.25 -18.25
N PHE B 79 -10.27 4.86 -18.05
CA PHE B 79 -10.13 6.29 -18.35
C PHE B 79 -9.85 6.49 -19.83
N ASN B 80 -9.08 5.61 -20.44
CA ASN B 80 -8.69 5.83 -21.85
C ASN B 80 -9.34 4.89 -22.86
N GLU B 81 -9.56 5.40 -24.06
CA GLU B 81 -10.09 4.58 -25.14
C GLU B 81 -9.01 3.64 -25.70
N ASP B 82 -9.46 2.55 -26.31
CA ASP B 82 -8.55 1.50 -26.77
C ASP B 82 -7.59 1.99 -27.86
N ASP B 83 -8.05 2.86 -28.75
CA ASP B 83 -7.17 3.28 -29.83
C ASP B 83 -6.25 4.43 -29.43
N SER B 84 -6.38 4.93 -28.20
CA SER B 84 -5.47 5.94 -27.71
C SER B 84 -4.11 5.33 -27.37
N GLU B 85 -3.08 6.16 -27.42
CA GLU B 85 -1.72 5.66 -27.19
C GLU B 85 -1.60 5.13 -25.78
N VAL B 86 -2.17 5.84 -24.82
CA VAL B 86 -2.14 5.35 -23.44
C VAL B 86 -3.02 4.11 -23.31
N GLY B 87 -4.15 4.11 -24.00
CA GLY B 87 -4.99 2.91 -24.04
C GLY B 87 -4.28 1.67 -24.54
N LYS B 88 -3.55 1.80 -25.64
CA LYS B 88 -2.85 0.65 -26.21
C LYS B 88 -1.75 0.16 -25.28
N ALA B 89 -1.03 1.10 -24.64
CA ALA B 89 0.14 0.71 -23.84
C ALA B 89 -0.28 -0.13 -22.63
N GLY B 90 -1.39 0.21 -22.01
CA GLY B 90 -1.85 -0.53 -20.84
C GLY B 90 -2.42 -1.88 -21.22
N HIS B 91 -3.04 -1.96 -22.40
CA HIS B 91 -3.36 -3.27 -22.95
C HIS B 91 -2.11 -4.11 -23.14
N ILE B 92 -1.04 -3.49 -23.64
CA ILE B 92 0.20 -4.21 -23.89
C ILE B 92 0.81 -4.65 -22.56
N MET B 93 0.80 -3.76 -21.57
CA MET B 93 1.44 -4.05 -20.29
C MET B 93 0.66 -5.08 -19.48
N ARG B 94 -0.68 -5.06 -19.57
CA ARG B 94 -1.48 -6.08 -18.89
C ARG B 94 -1.17 -7.47 -19.45
N ARG B 95 -1.00 -7.57 -20.76
CA ARG B 95 -0.65 -8.85 -21.35
CA ARG B 95 -0.66 -8.85 -21.35
C ARG B 95 0.74 -9.28 -20.95
N PHE B 96 1.69 -8.34 -20.91
CA PHE B 96 3.02 -8.67 -20.45
C PHE B 96 2.99 -9.14 -19.00
N PHE B 97 2.23 -8.44 -18.16
CA PHE B 97 2.17 -8.81 -16.75
C PHE B 97 1.54 -10.18 -16.55
N GLU B 98 0.39 -10.42 -17.19
CA GLU B 98 -0.27 -11.72 -17.03
CA GLU B 98 -0.28 -11.72 -17.05
C GLU B 98 0.58 -12.85 -17.59
N SER B 99 1.30 -12.61 -18.69
CA SER B 99 2.15 -13.64 -19.26
C SER B 99 3.32 -13.97 -18.33
N ARG B 100 3.91 -12.95 -17.72
CA ARG B 100 5.05 -13.16 -16.82
C ARG B 100 4.61 -13.72 -15.48
N TRP B 101 3.45 -13.27 -14.98
CA TRP B 101 2.92 -13.80 -13.73
C TRP B 101 2.52 -15.25 -13.88
N GLU B 102 2.02 -15.63 -15.05
CA GLU B 102 1.66 -17.02 -15.31
C GLU B 102 2.88 -17.92 -15.43
N GLU B 103 4.04 -17.36 -15.75
CA GLU B 103 5.25 -18.16 -15.90
C GLU B 103 5.95 -18.44 -14.58
N PHE B 104 5.48 -17.86 -13.47
CA PHE B 104 5.99 -18.19 -12.15
C PHE B 104 5.04 -19.15 -11.46
N TYR B 105 3.89 -18.61 -11.05
CA TYR B 105 2.91 -19.35 -10.26
C TYR B 105 2.08 -20.28 -11.12
#